data_9L5Q
#
_entry.id   9L5Q
#
_cell.length_a   136.106
_cell.length_b   136.106
_cell.length_c   94.807
_cell.angle_alpha   90.000
_cell.angle_beta   90.000
_cell.angle_gamma   120.000
#
_symmetry.space_group_name_H-M   'P 61 2 2'
#
loop_
_entity.id
_entity.type
_entity.pdbx_description
1 polymer 'Phosphatidylinositol 5-phosphate 4-kinase type-2 alpha'
2 non-polymer 'BORIC ACID'
3 water water
#
_entity_poly.entity_id   1
_entity_poly.type   'polypeptide(L)'
_entity_poly.pdbx_seq_one_letter_code
;MGSSHHHHHHSSGLVPRGSHMASMTGGQQMGRGSLEVLFQGPNWEAAMATPGNLGSSVLASKTKTKKKHFVAQKVKLFRA
SDPLLSVLMWGVNHSINELSHVQIPVMLMPDDFKAYSKIKVDNHLFNKENMPSHFKFKEYCPMVFRNLRERFGIDDQDFQ
NSLTRSAPLPNDSQARSGARFHTSYDKRYIIKTITSEDVAEMHNILKKYHQYIVECHGITLLPQFLGMYRLNVDGVEIYV
IVTRNVFSHRLSVYRKYDLKGSTVAREASDKEKAKELPTLKDNDFINEGQKIYIDDNSKKVFLEKLKKDVEFLAQLKLMD
YSLLVGIHDVERAEQEEVECEENDGEEEGESDGTHPVGTPPDSPGNTLNSSPPLAPGEFDPNIDVYGIKCHENSPRKEVY
FMAIIDILTHYDAKKKAAHAAKTVKHGAGAEISTVNPEQYSKRFLDFIGHILT
;
_entity_poly.pdbx_strand_id   A
#
loop_
_chem_comp.id
_chem_comp.type
_chem_comp.name
_chem_comp.formula
BO3 non-polymer 'BORIC ACID' 'B H3 O3'
#
# COMPACT_ATOMS: atom_id res chain seq x y z
N ASP A 82 -8.07 0.92 18.71
CA ASP A 82 -8.78 2.16 19.02
C ASP A 82 -7.95 3.11 19.92
N PRO A 83 -7.63 2.76 21.18
CA PRO A 83 -6.59 3.55 21.86
C PRO A 83 -5.26 3.50 21.13
N LEU A 84 -4.93 2.38 20.48
CA LEU A 84 -3.74 2.38 19.63
C LEU A 84 -3.93 3.31 18.45
N LEU A 85 -5.12 3.32 17.87
CA LEU A 85 -5.44 4.27 16.81
C LEU A 85 -5.24 5.70 17.29
N SER A 86 -5.69 5.99 18.52
CA SER A 86 -5.51 7.32 19.09
C SER A 86 -4.03 7.68 19.15
N VAL A 87 -3.19 6.76 19.58
CA VAL A 87 -1.75 7.02 19.64
C VAL A 87 -1.22 7.26 18.24
N LEU A 88 -1.65 6.44 17.27
CA LEU A 88 -1.23 6.66 15.89
C LEU A 88 -1.60 8.07 15.43
N MET A 89 -2.84 8.50 15.69
CA MET A 89 -3.25 9.84 15.27
C MET A 89 -2.42 10.91 15.96
N TRP A 90 -2.29 10.80 17.28
CA TRP A 90 -1.48 11.74 18.04
C TRP A 90 -0.06 11.77 17.51
N GLY A 91 0.51 10.57 17.29
CA GLY A 91 1.89 10.47 16.86
C GLY A 91 2.13 11.04 15.47
N VAL A 92 1.26 10.70 14.52
CA VAL A 92 1.40 11.27 13.19
C VAL A 92 1.31 12.79 13.25
N ASN A 93 0.33 13.30 14.01
CA ASN A 93 0.22 14.74 14.19
C ASN A 93 1.53 15.29 14.76
N HIS A 94 2.07 14.64 15.78
CA HIS A 94 3.31 15.09 16.40
C HIS A 94 4.47 15.04 15.42
N SER A 95 4.62 13.91 14.73
CA SER A 95 5.73 13.72 13.80
C SER A 95 5.76 14.79 12.71
N ILE A 96 4.60 15.08 12.11
CA ILE A 96 4.57 16.04 11.02
C ILE A 96 4.83 17.45 11.52
N ASN A 97 4.26 17.82 12.67
CA ASN A 97 4.53 19.14 13.25
C ASN A 97 6.03 19.33 13.53
N GLU A 98 6.70 18.31 14.06
CA GLU A 98 8.14 18.38 14.28
C GLU A 98 8.88 18.63 12.98
N LEU A 99 8.55 17.85 11.93
CA LEU A 99 9.27 17.97 10.67
C LEU A 99 9.03 19.33 10.03
N SER A 100 7.85 19.93 10.26
CA SER A 100 7.54 21.22 9.69
C SER A 100 8.56 22.29 10.08
N HIS A 101 9.39 22.03 11.10
CA HIS A 101 10.43 22.92 11.54
C HIS A 101 11.81 22.59 10.95
N VAL A 102 12.17 21.31 10.82
CA VAL A 102 13.42 20.96 10.13
C VAL A 102 13.41 21.56 8.73
N GLN A 103 14.58 22.06 8.30
CA GLN A 103 14.78 22.38 6.90
C GLN A 103 15.18 21.09 6.17
N ILE A 104 14.44 20.77 5.10
CA ILE A 104 14.57 19.50 4.41
C ILE A 104 15.56 19.68 3.26
N PRO A 105 16.70 18.99 3.27
CA PRO A 105 17.61 19.04 2.13
C PRO A 105 17.07 18.21 0.98
N VAL A 106 17.69 18.34 -0.20
CA VAL A 106 17.26 17.55 -1.35
C VAL A 106 17.71 16.10 -1.23
N MET A 107 18.69 15.82 -0.39
CA MET A 107 19.27 14.49 -0.34
C MET A 107 19.11 13.86 1.04
N LEU A 108 19.34 12.57 1.07
CA LEU A 108 19.39 11.77 2.28
C LEU A 108 20.82 11.32 2.51
N MET A 109 21.20 11.21 3.78
CA MET A 109 22.48 10.65 4.10
C MET A 109 22.31 9.21 4.60
N PRO A 110 23.37 8.40 4.53
CA PRO A 110 23.28 7.02 5.00
C PRO A 110 22.62 6.92 6.36
N ASP A 111 22.98 7.80 7.29
CA ASP A 111 22.41 7.76 8.64
C ASP A 111 20.91 8.01 8.64
N ASP A 112 20.35 8.64 7.59
CA ASP A 112 18.91 8.85 7.55
C ASP A 112 18.17 7.53 7.54
N PHE A 113 18.79 6.49 7.03
CA PHE A 113 18.18 5.17 6.94
C PHE A 113 18.32 4.36 8.21
N LYS A 114 19.05 4.86 9.21
CA LYS A 114 19.17 4.19 10.49
C LYS A 114 18.55 4.99 11.64
N ALA A 115 17.85 6.07 11.33
CA ALA A 115 17.39 7.06 12.31
C ALA A 115 15.98 6.73 12.81
N TYR A 116 15.62 7.30 13.95
CA TYR A 116 14.24 7.18 14.45
C TYR A 116 13.92 8.30 15.43
N SER A 117 12.63 8.45 15.69
CA SER A 117 12.13 9.44 16.63
C SER A 117 11.20 8.75 17.62
N LYS A 118 11.53 8.83 18.92
CA LYS A 118 10.79 8.18 20.00
C LYS A 118 10.19 9.22 20.93
N ILE A 119 8.91 9.06 21.26
CA ILE A 119 8.28 9.84 22.33
C ILE A 119 7.63 8.87 23.31
N LYS A 120 7.79 9.15 24.60
CA LYS A 120 7.15 8.39 25.67
C LYS A 120 6.38 9.37 26.55
N VAL A 121 5.07 9.16 26.68
CA VAL A 121 4.21 10.06 27.44
C VAL A 121 3.70 9.34 28.69
N ASP A 122 3.84 10.00 29.84
CA ASP A 122 3.30 9.53 31.11
C ASP A 122 2.48 10.66 31.72
N ASN A 123 1.17 10.48 31.78
CA ASN A 123 0.27 11.42 32.44
C ASN A 123 -0.23 10.78 33.73
N HIS A 124 0.01 11.46 34.84
CA HIS A 124 -0.39 10.97 36.15
C HIS A 124 -1.55 11.83 36.63
N LEU A 125 -2.71 11.19 36.83
CA LEU A 125 -3.94 11.87 37.27
C LEU A 125 -4.27 13.07 36.38
N PHE A 126 -4.04 12.91 35.08
CA PHE A 126 -4.29 13.93 34.06
C PHE A 126 -4.88 13.17 32.88
N ASN A 127 -6.12 12.71 33.06
CA ASN A 127 -6.75 11.77 32.14
C ASN A 127 -7.43 12.54 31.03
N LYS A 128 -7.09 12.21 29.80
CA LYS A 128 -7.68 12.88 28.65
C LYS A 128 -8.86 12.08 28.10
N GLU A 129 -9.38 12.54 26.96
CA GLU A 129 -10.68 12.08 26.47
C GLU A 129 -10.58 10.65 25.91
N ASN A 130 -10.00 10.52 24.72
CA ASN A 130 -9.72 9.20 24.16
C ASN A 130 -8.26 8.81 24.28
N MET A 131 -7.39 9.71 24.81
CA MET A 131 -5.96 9.45 24.88
C MET A 131 -5.62 8.55 26.07
N PRO A 132 -4.89 7.46 25.85
CA PRO A 132 -4.32 6.72 26.97
C PRO A 132 -3.40 7.64 27.75
N SER A 133 -3.22 7.33 29.01
CA SER A 133 -2.42 8.20 29.85
C SER A 133 -0.96 7.77 29.92
N HIS A 134 -0.63 6.60 29.34
CA HIS A 134 0.76 6.17 29.22
C HIS A 134 0.94 5.44 27.89
N PHE A 135 1.73 6.03 27.00
CA PHE A 135 1.94 5.43 25.69
C PHE A 135 3.32 5.80 25.15
N LYS A 136 3.77 5.01 24.17
CA LYS A 136 5.02 5.23 23.47
C LYS A 136 4.74 5.33 21.98
N PHE A 137 5.49 6.19 21.31
CA PHE A 137 5.34 6.34 19.87
C PHE A 137 6.72 6.52 19.23
N LYS A 138 7.03 5.67 18.26
CA LYS A 138 8.32 5.68 17.57
C LYS A 138 8.10 5.77 16.06
N GLU A 139 8.79 6.71 15.41
CA GLU A 139 8.77 6.82 13.96
C GLU A 139 10.10 6.39 13.39
N TYR A 140 10.09 5.44 12.46
CA TYR A 140 11.32 4.97 11.85
C TYR A 140 11.69 5.90 10.70
N CYS A 141 12.97 6.24 10.63
CA CYS A 141 13.55 6.90 9.47
C CYS A 141 12.71 8.09 9.00
N PRO A 142 12.41 9.05 9.90
CA PRO A 142 11.44 10.10 9.52
C PRO A 142 11.86 10.89 8.30
N MET A 143 13.16 11.09 8.07
CA MET A 143 13.60 11.87 6.91
C MET A 143 13.40 11.09 5.61
N VAL A 144 13.61 9.77 5.61
CA VAL A 144 13.37 9.00 4.40
C VAL A 144 11.91 9.10 3.99
N PHE A 145 10.99 8.93 4.95
CA PHE A 145 9.57 8.92 4.61
C PHE A 145 9.06 10.31 4.30
N ARG A 146 9.65 11.32 4.93
CA ARG A 146 9.38 12.69 4.50
C ARG A 146 9.77 12.87 3.03
N ASN A 147 10.96 12.37 2.67
CA ASN A 147 11.42 12.45 1.29
C ASN A 147 10.50 11.66 0.35
N LEU A 148 10.18 10.41 0.70
CA LEU A 148 9.27 9.61 -0.14
C LEU A 148 7.93 10.31 -0.33
N ARG A 149 7.31 10.82 0.74
CA ARG A 149 5.99 11.42 0.59
C ARG A 149 6.01 12.53 -0.46
N GLU A 150 7.07 13.35 -0.44
CA GLU A 150 7.12 14.44 -1.41
C GLU A 150 7.39 13.91 -2.80
N ARG A 151 8.17 12.84 -2.91
CA ARG A 151 8.38 12.25 -4.23
C ARG A 151 7.09 11.64 -4.76
N PHE A 152 6.20 11.20 -3.87
CA PHE A 152 4.93 10.61 -4.31
C PHE A 152 3.86 11.66 -4.52
N GLY A 153 4.19 12.95 -4.42
CA GLY A 153 3.25 14.02 -4.65
C GLY A 153 2.40 14.38 -3.46
N ILE A 154 2.82 14.03 -2.25
CA ILE A 154 1.97 14.20 -1.07
C ILE A 154 2.57 15.30 -0.20
N ASP A 155 1.77 16.34 0.05
CA ASP A 155 2.14 17.38 0.99
C ASP A 155 1.98 16.90 2.43
N ASP A 156 2.93 17.29 3.29
CA ASP A 156 2.90 16.82 4.68
C ASP A 156 1.66 17.30 5.43
N GLN A 157 1.19 18.52 5.15
CA GLN A 157 0.02 19.01 5.88
C GLN A 157 -1.23 18.23 5.47
N ASP A 158 -1.38 17.92 4.18
CA ASP A 158 -2.48 17.07 3.72
C ASP A 158 -2.40 15.69 4.37
N PHE A 159 -1.22 15.09 4.37
CA PHE A 159 -1.03 13.79 4.99
C PHE A 159 -1.49 13.83 6.43
N GLN A 160 -1.06 14.87 7.15
CA GLN A 160 -1.44 15.06 8.54
C GLN A 160 -2.95 15.10 8.68
N ASN A 161 -3.61 16.00 7.95
CA ASN A 161 -5.06 16.10 8.05
C ASN A 161 -5.73 14.78 7.73
N SER A 162 -5.28 14.11 6.67
CA SER A 162 -5.91 12.86 6.26
C SER A 162 -5.89 11.83 7.39
N LEU A 163 -4.87 11.87 8.24
CA LEU A 163 -4.73 10.89 9.30
C LEU A 163 -5.13 11.40 10.68
N THR A 164 -5.49 12.68 10.82
CA THR A 164 -5.76 13.20 12.15
C THR A 164 -7.05 13.98 12.31
N ARG A 165 -7.68 14.46 11.22
CA ARG A 165 -8.92 15.22 11.40
C ARG A 165 -10.05 14.33 11.90
N SER A 166 -10.01 13.04 11.54
CA SER A 166 -11.02 12.07 11.92
C SER A 166 -10.35 10.71 11.90
N ALA A 167 -10.88 9.78 12.71
CA ALA A 167 -10.20 8.53 12.94
C ALA A 167 -10.21 7.67 11.68
N PRO A 168 -9.17 6.88 11.45
CA PRO A 168 -9.23 5.87 10.40
C PRO A 168 -10.25 4.78 10.71
N LEU A 169 -10.81 4.19 9.66
CA LEU A 169 -11.85 3.18 9.78
C LEU A 169 -11.30 1.80 9.53
N PRO A 170 -11.71 0.79 10.29
CA PRO A 170 -11.29 -0.59 9.99
C PRO A 170 -11.99 -1.10 8.75
N ASN A 171 -11.39 -2.13 8.14
CA ASN A 171 -11.96 -2.71 6.95
C ASN A 171 -11.33 -4.07 6.68
N PHE A 181 -6.61 -4.26 8.06
CA PHE A 181 -6.06 -2.92 7.90
C PHE A 181 -7.09 -1.82 8.20
N HIS A 182 -6.63 -0.56 8.21
CA HIS A 182 -7.48 0.60 8.36
C HIS A 182 -7.32 1.53 7.15
N THR A 183 -8.35 2.33 6.92
CA THR A 183 -8.33 3.33 5.86
C THR A 183 -8.49 4.71 6.48
N SER A 184 -7.76 5.69 5.95
CA SER A 184 -7.93 7.06 6.43
C SER A 184 -9.36 7.51 6.13
N TYR A 185 -9.88 8.40 6.97
CA TYR A 185 -11.28 8.73 6.86
C TYR A 185 -11.63 9.28 5.49
N ASP A 186 -10.65 9.82 4.76
CA ASP A 186 -10.87 10.34 3.42
C ASP A 186 -10.49 9.34 2.33
N LYS A 187 -10.20 8.10 2.70
CA LYS A 187 -9.98 6.98 1.79
C LYS A 187 -8.70 7.12 0.98
N ARG A 188 -7.79 8.01 1.38
CA ARG A 188 -6.58 8.24 0.60
C ARG A 188 -5.42 7.33 1.01
N TYR A 189 -5.32 6.93 2.29
CA TYR A 189 -4.18 6.13 2.74
C TYR A 189 -4.66 4.90 3.48
N ILE A 190 -3.81 3.89 3.47
CA ILE A 190 -4.07 2.60 4.08
C ILE A 190 -3.10 2.46 5.24
N ILE A 191 -3.58 1.88 6.34
CA ILE A 191 -2.77 1.68 7.53
C ILE A 191 -2.82 0.19 7.89
N LYS A 192 -1.71 -0.51 7.67
CA LYS A 192 -1.62 -1.94 7.88
C LYS A 192 -0.72 -2.25 9.06
N THR A 193 -1.12 -3.26 9.83
CA THR A 193 -0.37 -3.74 10.97
C THR A 193 0.58 -4.83 10.51
N ILE A 194 1.85 -4.69 10.83
CA ILE A 194 2.88 -5.60 10.35
C ILE A 194 3.65 -6.14 11.54
N THR A 195 4.39 -7.22 11.31
CA THR A 195 5.20 -7.83 12.35
C THR A 195 6.53 -7.09 12.50
N SER A 196 7.19 -7.30 13.64
CA SER A 196 8.53 -6.76 13.77
C SER A 196 9.45 -7.35 12.71
N GLU A 197 9.15 -8.57 12.25
CA GLU A 197 9.91 -9.15 11.15
C GLU A 197 9.72 -8.36 9.86
N ASP A 198 8.50 -7.86 9.61
CA ASP A 198 8.31 -7.04 8.42
C ASP A 198 9.04 -5.72 8.55
N VAL A 199 9.07 -5.17 9.78
CA VAL A 199 9.79 -3.92 10.04
C VAL A 199 11.27 -4.11 9.76
N ALA A 200 11.82 -5.26 10.17
CA ALA A 200 13.22 -5.54 9.88
C ALA A 200 13.45 -5.62 8.38
N GLU A 201 12.53 -6.24 7.64
CA GLU A 201 12.72 -6.37 6.21
C GLU A 201 12.52 -5.05 5.48
N MET A 202 11.60 -4.22 5.96
CA MET A 202 11.45 -2.88 5.40
C MET A 202 12.74 -2.07 5.59
N HIS A 203 13.33 -2.12 6.80
CA HIS A 203 14.62 -1.46 7.00
C HIS A 203 15.64 -2.01 6.05
N ASN A 204 15.55 -3.30 5.77
CA ASN A 204 16.62 -3.92 5.02
C ASN A 204 16.57 -3.55 3.54
N ILE A 205 15.41 -3.17 3.03
CA ILE A 205 15.29 -2.80 1.62
C ILE A 205 15.07 -1.31 1.43
N LEU A 206 14.97 -0.52 2.51
CA LEU A 206 14.51 0.86 2.37
C LEU A 206 15.41 1.67 1.45
N LYS A 207 16.73 1.46 1.53
CA LYS A 207 17.61 2.28 0.71
C LYS A 207 17.53 1.89 -0.76
N LYS A 208 17.53 0.59 -1.08
CA LYS A 208 17.38 0.19 -2.48
C LYS A 208 16.02 0.60 -3.02
N TYR A 209 14.97 0.47 -2.18
CA TYR A 209 13.64 0.95 -2.53
C TYR A 209 13.65 2.44 -2.85
N HIS A 210 14.19 3.24 -1.92
CA HIS A 210 14.27 4.68 -2.17
C HIS A 210 15.00 4.96 -3.47
N GLN A 211 16.14 4.30 -3.69
CA GLN A 211 16.90 4.53 -4.91
C GLN A 211 16.07 4.18 -6.14
N TYR A 212 15.30 3.10 -6.07
CA TYR A 212 14.47 2.74 -7.21
C TYR A 212 13.41 3.79 -7.45
N ILE A 213 12.81 4.32 -6.37
CA ILE A 213 11.79 5.36 -6.51
C ILE A 213 12.41 6.61 -7.13
N VAL A 214 13.66 6.93 -6.77
CA VAL A 214 14.38 8.04 -7.38
C VAL A 214 14.57 7.79 -8.87
N GLU A 215 14.98 6.58 -9.23
CA GLU A 215 15.26 6.26 -10.62
C GLU A 215 14.00 6.30 -11.48
N CYS A 216 12.84 5.91 -10.96
CA CYS A 216 11.67 5.91 -11.83
C CYS A 216 10.82 7.16 -11.67
N HIS A 217 11.33 8.16 -10.94
CA HIS A 217 10.64 9.43 -10.72
C HIS A 217 9.31 9.23 -10.03
N GLY A 218 9.24 8.22 -9.16
CA GLY A 218 8.02 7.95 -8.45
C GLY A 218 6.91 7.39 -9.30
N ILE A 219 7.22 6.94 -10.52
CA ILE A 219 6.25 6.30 -11.40
C ILE A 219 6.48 4.79 -11.30
N THR A 220 5.62 4.11 -10.55
CA THR A 220 5.80 2.67 -10.31
C THR A 220 4.48 2.07 -9.86
N LEU A 221 4.32 0.78 -10.09
CA LEU A 221 3.17 0.08 -9.55
C LEU A 221 3.42 -0.46 -8.15
N LEU A 222 4.62 -0.25 -7.60
CA LEU A 222 4.97 -0.73 -6.26
C LEU A 222 4.17 0.03 -5.20
N PRO A 223 4.02 -0.55 -4.01
CA PRO A 223 3.44 0.21 -2.90
C PRO A 223 4.21 1.49 -2.61
N GLN A 224 3.47 2.56 -2.34
CA GLN A 224 4.07 3.83 -1.96
C GLN A 224 4.11 3.86 -0.44
N PHE A 225 5.30 3.59 0.11
CA PHE A 225 5.46 3.55 1.57
C PHE A 225 5.57 4.98 2.09
N LEU A 226 4.67 5.37 2.99
CA LEU A 226 4.61 6.76 3.41
C LEU A 226 5.05 7.02 4.84
N GLY A 227 5.07 6.01 5.68
CA GLY A 227 5.41 6.20 7.07
C GLY A 227 5.41 4.85 7.74
N MET A 228 6.22 4.68 8.78
CA MET A 228 6.27 3.42 9.51
C MET A 228 6.46 3.77 10.98
N TYR A 229 5.72 3.10 11.87
CA TYR A 229 5.66 3.53 13.26
C TYR A 229 5.57 2.35 14.21
N ARG A 230 5.94 2.61 15.45
CA ARG A 230 5.73 1.66 16.53
C ARG A 230 4.85 2.31 17.59
N LEU A 231 3.79 1.61 18.01
CA LEU A 231 2.83 2.12 18.98
C LEU A 231 2.85 1.22 20.20
N ASN A 232 2.88 1.84 21.38
CA ASN A 232 2.76 1.11 22.64
C ASN A 232 1.68 1.75 23.49
N VAL A 233 0.75 0.94 23.97
CA VAL A 233 -0.12 1.35 25.07
C VAL A 233 -0.12 0.23 26.08
N ASP A 234 0.29 0.55 27.33
CA ASP A 234 0.23 -0.35 28.48
C ASP A 234 0.26 -1.84 28.14
N GLY A 235 1.36 -2.33 27.59
CA GLY A 235 1.50 -3.75 27.39
C GLY A 235 1.25 -4.26 25.98
N VAL A 236 0.73 -3.42 25.08
CA VAL A 236 0.52 -3.79 23.69
C VAL A 236 1.51 -3.00 22.84
N GLU A 237 2.23 -3.69 21.97
CA GLU A 237 3.11 -3.08 20.99
C GLU A 237 2.67 -3.54 19.62
N ILE A 238 2.40 -2.60 18.71
CA ILE A 238 2.14 -2.96 17.33
C ILE A 238 2.97 -2.07 16.41
N TYR A 239 3.17 -2.55 15.18
CA TYR A 239 3.87 -1.79 14.15
C TYR A 239 2.90 -1.52 13.02
N VAL A 240 2.90 -0.30 12.50
CA VAL A 240 2.04 0.03 11.36
C VAL A 240 2.90 0.58 10.24
N ILE A 241 2.50 0.29 9.02
CA ILE A 241 3.07 0.92 7.84
C ILE A 241 1.93 1.56 7.07
N VAL A 242 2.16 2.75 6.54
CA VAL A 242 1.13 3.52 5.86
C VAL A 242 1.48 3.60 4.38
N THR A 243 0.50 3.32 3.53
CA THR A 243 0.66 3.31 2.10
C THR A 243 -0.42 4.15 1.45
N ARG A 244 -0.16 4.55 0.20
CA ARG A 244 -1.21 5.14 -0.60
C ARG A 244 -2.23 4.07 -1.02
N ASN A 245 -3.51 4.42 -0.96
CA ASN A 245 -4.56 3.49 -1.32
C ASN A 245 -4.46 3.17 -2.81
N VAL A 246 -4.52 1.89 -3.16
CA VAL A 246 -4.52 1.53 -4.58
C VAL A 246 -5.78 2.04 -5.25
N PHE A 247 -6.91 1.91 -4.55
CA PHE A 247 -8.19 2.29 -5.11
C PHE A 247 -8.39 3.80 -5.02
N SER A 248 -9.47 4.25 -5.66
CA SER A 248 -9.84 5.67 -5.68
C SER A 248 -10.33 6.10 -4.31
N HIS A 249 -10.20 7.40 -4.03
CA HIS A 249 -10.79 7.93 -2.80
C HIS A 249 -12.23 8.33 -3.01
N ARG A 250 -12.65 8.55 -4.26
CA ARG A 250 -14.02 8.89 -4.60
C ARG A 250 -14.75 7.72 -5.27
N LEU A 251 -14.14 7.09 -6.27
CA LEU A 251 -14.83 6.11 -7.11
C LEU A 251 -14.88 4.75 -6.42
N SER A 252 -16.10 4.24 -6.22
CA SER A 252 -16.29 2.97 -5.53
C SER A 252 -15.87 1.80 -6.41
N VAL A 253 -15.20 0.82 -5.83
CA VAL A 253 -14.83 -0.41 -6.51
C VAL A 253 -15.92 -1.45 -6.28
N TYR A 254 -16.46 -2.02 -7.36
CA TYR A 254 -17.48 -3.04 -7.20
C TYR A 254 -16.94 -4.46 -7.31
N ARG A 255 -15.74 -4.66 -7.84
CA ARG A 255 -15.17 -5.99 -8.00
C ARG A 255 -13.65 -5.89 -7.85
N LYS A 256 -13.07 -6.78 -7.03
CA LYS A 256 -11.65 -6.73 -6.66
C LYS A 256 -11.02 -8.10 -6.89
N TYR A 257 -9.82 -8.11 -7.47
CA TYR A 257 -9.07 -9.35 -7.71
C TYR A 257 -7.70 -9.28 -7.05
N ASP A 258 -7.24 -10.43 -6.58
CA ASP A 258 -5.90 -10.61 -6.02
C ASP A 258 -5.20 -11.65 -6.89
N LEU A 259 -4.21 -11.23 -7.65
CA LEU A 259 -3.62 -12.06 -8.68
C LEU A 259 -2.17 -12.36 -8.33
N LYS A 260 -1.74 -13.61 -8.57
CA LYS A 260 -0.38 -14.02 -8.27
C LYS A 260 0.31 -14.76 -9.41
N GLY A 261 -0.43 -15.36 -10.33
CA GLY A 261 0.19 -16.18 -11.35
C GLY A 261 0.73 -17.50 -10.87
N SER A 262 0.34 -17.93 -9.67
CA SER A 262 0.92 -19.15 -9.12
C SER A 262 0.31 -20.33 -9.82
N THR A 263 1.17 -21.24 -10.31
CA THR A 263 0.69 -22.50 -10.85
C THR A 263 -0.15 -23.25 -9.83
N VAL A 264 -0.01 -22.94 -8.53
CA VAL A 264 -0.83 -23.58 -7.50
C VAL A 264 -2.28 -23.15 -7.66
N ALA A 265 -3.17 -23.96 -7.07
CA ALA A 265 -4.60 -23.68 -7.11
C ALA A 265 -4.90 -22.44 -6.29
N ARG A 266 -5.20 -21.33 -6.97
CA ARG A 266 -5.58 -20.07 -6.33
C ARG A 266 -7.00 -19.73 -6.76
N GLU A 267 -7.95 -19.88 -5.84
CA GLU A 267 -9.34 -19.53 -6.03
C GLU A 267 -9.87 -18.97 -4.73
N ALA A 268 -10.80 -18.02 -4.83
CA ALA A 268 -11.51 -17.61 -3.63
C ALA A 268 -12.40 -18.75 -3.16
N SER A 269 -12.72 -18.72 -1.87
CA SER A 269 -13.54 -19.77 -1.25
C SER A 269 -15.02 -19.56 -1.55
N ASP A 270 -15.78 -20.65 -1.51
CA ASP A 270 -17.24 -20.55 -1.52
C ASP A 270 -17.73 -19.75 -0.33
N LYS A 271 -16.99 -19.80 0.78
CA LYS A 271 -17.27 -18.92 1.92
C LYS A 271 -16.86 -17.49 1.60
N GLU A 272 -15.64 -17.32 1.08
CA GLU A 272 -15.12 -15.99 0.76
C GLU A 272 -15.96 -15.30 -0.31
N LYS A 273 -16.31 -16.03 -1.38
CA LYS A 273 -17.16 -15.50 -2.45
C LYS A 273 -18.52 -15.02 -1.95
N ALA A 274 -18.87 -15.31 -0.70
CA ALA A 274 -20.09 -14.83 -0.05
C ALA A 274 -19.92 -13.44 0.55
N LYS A 275 -18.71 -12.91 0.61
CA LYS A 275 -18.53 -11.55 1.11
C LYS A 275 -19.09 -10.55 0.10
N GLU A 276 -19.17 -9.29 0.53
CA GLU A 276 -19.72 -8.23 -0.31
C GLU A 276 -18.70 -7.71 -1.31
N LEU A 277 -17.47 -7.49 -0.85
CA LEU A 277 -16.35 -7.30 -1.75
C LEU A 277 -15.46 -8.54 -1.67
N PRO A 278 -15.84 -9.63 -2.30
CA PRO A 278 -14.94 -10.80 -2.34
C PRO A 278 -13.60 -10.43 -2.94
N THR A 279 -12.54 -10.93 -2.33
CA THR A 279 -11.23 -10.86 -2.96
C THR A 279 -11.11 -12.10 -3.84
N LEU A 280 -11.56 -11.98 -5.09
CA LEU A 280 -11.44 -13.10 -6.00
C LEU A 280 -9.97 -13.32 -6.33
N LYS A 281 -9.67 -14.48 -6.92
CA LYS A 281 -8.29 -14.90 -7.15
C LYS A 281 -8.04 -15.25 -8.61
N ASP A 282 -6.87 -15.83 -8.89
CA ASP A 282 -6.47 -16.15 -10.26
C ASP A 282 -7.52 -17.01 -10.95
N ASN A 283 -7.92 -18.12 -10.31
CA ASN A 283 -8.85 -19.04 -10.95
C ASN A 283 -10.21 -18.39 -11.18
N ASP A 284 -10.66 -17.57 -10.23
CA ASP A 284 -11.86 -16.76 -10.43
C ASP A 284 -11.77 -16.00 -11.75
N PHE A 285 -10.81 -15.07 -11.80
CA PHE A 285 -10.59 -14.28 -12.99
C PHE A 285 -10.55 -15.15 -14.25
N ILE A 286 -9.76 -16.22 -14.21
CA ILE A 286 -9.49 -16.98 -15.43
C ILE A 286 -10.73 -17.76 -15.86
N ASN A 287 -11.35 -18.47 -14.93
CA ASN A 287 -12.53 -19.25 -15.29
C ASN A 287 -13.73 -18.36 -15.60
N GLU A 288 -13.78 -17.15 -15.05
CA GLU A 288 -14.98 -16.33 -15.20
C GLU A 288 -14.87 -15.34 -16.34
N GLY A 289 -13.87 -15.51 -17.19
CA GLY A 289 -13.72 -14.69 -18.39
C GLY A 289 -13.67 -13.20 -18.13
N GLN A 290 -12.92 -12.77 -17.13
CA GLN A 290 -12.79 -11.34 -16.89
C GLN A 290 -11.96 -10.70 -17.99
N LYS A 291 -12.52 -9.68 -18.62
CA LYS A 291 -11.80 -8.86 -19.56
C LYS A 291 -11.43 -7.54 -18.89
N ILE A 292 -10.22 -7.05 -19.15
CA ILE A 292 -9.79 -5.68 -18.79
C ILE A 292 -9.70 -4.90 -20.09
N TYR A 293 -10.67 -4.01 -20.34
CA TYR A 293 -10.72 -3.26 -21.60
C TYR A 293 -9.96 -1.94 -21.43
N ILE A 294 -8.63 -2.01 -21.60
CA ILE A 294 -7.81 -0.81 -21.70
C ILE A 294 -7.15 -0.80 -23.08
N ASP A 295 -6.89 0.40 -23.58
CA ASP A 295 -6.34 0.49 -24.92
C ASP A 295 -4.88 0.03 -24.94
N ASP A 296 -4.38 -0.15 -26.16
CA ASP A 296 -3.10 -0.83 -26.35
C ASP A 296 -1.95 -0.01 -25.82
N ASN A 297 -2.01 1.32 -25.95
CA ASN A 297 -0.95 2.14 -25.38
C ASN A 297 -0.96 2.08 -23.85
N SER A 298 -2.14 2.15 -23.25
CA SER A 298 -2.25 2.01 -21.80
C SER A 298 -1.69 0.66 -21.34
N LYS A 299 -1.94 -0.39 -22.12
CA LYS A 299 -1.53 -1.73 -21.71
C LYS A 299 -0.02 -1.91 -21.85
N LYS A 300 0.58 -1.34 -22.91
CA LYS A 300 2.02 -1.45 -23.10
C LYS A 300 2.77 -0.67 -22.02
N VAL A 301 2.28 0.54 -21.71
CA VAL A 301 2.89 1.34 -20.65
C VAL A 301 2.81 0.61 -19.32
N PHE A 302 1.62 0.11 -18.98
CA PHE A 302 1.42 -0.63 -17.74
C PHE A 302 2.37 -1.81 -17.66
N LEU A 303 2.38 -2.64 -18.69
CA LEU A 303 3.18 -3.86 -18.64
C LEU A 303 4.67 -3.55 -18.53
N GLU A 304 5.12 -2.45 -19.13
CA GLU A 304 6.53 -2.12 -19.01
C GLU A 304 6.88 -1.68 -17.59
N LYS A 305 6.05 -0.80 -17.00
CA LYS A 305 6.17 -0.51 -15.58
C LYS A 305 6.22 -1.79 -14.76
N LEU A 306 5.22 -2.66 -14.92
CA LEU A 306 5.15 -3.90 -14.17
C LEU A 306 6.44 -4.70 -14.30
N LYS A 307 6.98 -4.76 -15.51
CA LYS A 307 8.21 -5.53 -15.75
C LYS A 307 9.36 -5.00 -14.91
N LYS A 308 9.58 -3.68 -14.95
CA LYS A 308 10.68 -3.12 -14.19
C LYS A 308 10.45 -3.29 -12.70
N ASP A 309 9.21 -3.10 -12.24
CA ASP A 309 8.88 -3.25 -10.83
C ASP A 309 9.15 -4.66 -10.33
N VAL A 310 8.66 -5.65 -11.07
CA VAL A 310 8.76 -7.03 -10.60
C VAL A 310 10.21 -7.51 -10.68
N GLU A 311 10.93 -7.10 -11.73
CA GLU A 311 12.35 -7.39 -11.79
C GLU A 311 13.07 -6.86 -10.55
N PHE A 312 12.73 -5.63 -10.15
CA PHE A 312 13.35 -5.04 -8.97
C PHE A 312 13.03 -5.86 -7.72
N LEU A 313 11.77 -6.26 -7.56
CA LEU A 313 11.41 -7.09 -6.41
C LEU A 313 12.17 -8.40 -6.42
N ALA A 314 12.36 -8.97 -7.61
CA ALA A 314 13.09 -10.23 -7.72
C ALA A 314 14.54 -10.08 -7.29
N GLN A 315 15.19 -8.96 -7.66
CA GLN A 315 16.55 -8.71 -7.19
C GLN A 315 16.61 -8.80 -5.67
N LEU A 316 15.60 -8.27 -4.98
CA LEU A 316 15.60 -8.24 -3.53
C LEU A 316 15.25 -9.58 -2.92
N LYS A 317 15.04 -10.61 -3.75
CA LYS A 317 14.61 -11.94 -3.33
C LYS A 317 13.29 -11.87 -2.59
N LEU A 318 12.44 -10.94 -3.00
CA LEU A 318 11.07 -10.84 -2.52
C LEU A 318 10.11 -11.58 -3.46
N MET A 319 8.97 -11.95 -2.91
CA MET A 319 8.01 -12.84 -3.56
C MET A 319 6.71 -12.73 -2.78
N ASP A 320 5.71 -13.49 -3.24
CA ASP A 320 4.39 -13.62 -2.63
C ASP A 320 3.57 -12.35 -2.76
N TYR A 321 3.97 -11.43 -3.63
CA TYR A 321 3.24 -10.19 -3.85
C TYR A 321 2.13 -10.43 -4.87
N SER A 322 1.15 -9.53 -4.87
CA SER A 322 -0.01 -9.69 -5.72
C SER A 322 -0.20 -8.46 -6.60
N LEU A 323 -0.87 -8.66 -7.73
CA LEU A 323 -1.48 -7.56 -8.47
C LEU A 323 -2.90 -7.38 -7.95
N LEU A 324 -3.18 -6.21 -7.38
CA LEU A 324 -4.52 -5.89 -6.90
C LEU A 324 -5.28 -5.18 -8.01
N VAL A 325 -6.49 -5.68 -8.33
CA VAL A 325 -7.27 -5.13 -9.45
C VAL A 325 -8.65 -4.75 -8.93
N GLY A 326 -8.94 -3.45 -8.94
CA GLY A 326 -10.26 -2.92 -8.60
C GLY A 326 -10.97 -2.41 -9.84
N ILE A 327 -12.26 -2.69 -9.95
CA ILE A 327 -13.05 -2.27 -11.10
C ILE A 327 -14.17 -1.36 -10.60
N HIS A 328 -14.21 -0.13 -11.11
CA HIS A 328 -15.27 0.83 -10.83
C HIS A 328 -16.23 0.88 -12.01
N ASP A 329 -17.49 0.48 -11.78
CA ASP A 329 -18.50 0.50 -12.84
C ASP A 329 -19.21 1.84 -12.80
N VAL A 330 -18.98 2.67 -13.84
CA VAL A 330 -19.57 4.01 -13.86
C VAL A 330 -21.08 3.93 -13.82
N GLU A 331 -21.68 2.98 -14.54
CA GLU A 331 -23.14 2.93 -14.60
C GLU A 331 -23.71 2.52 -13.25
N ARG A 332 -23.16 1.48 -12.63
CA ARG A 332 -23.67 1.01 -11.34
C ARG A 332 -23.53 2.10 -10.27
N ALA A 333 -22.49 2.93 -10.37
CA ALA A 333 -22.32 4.04 -9.43
C ALA A 333 -23.38 5.11 -9.64
N GLU A 334 -23.60 5.52 -10.91
CA GLU A 334 -24.64 6.50 -11.19
C GLU A 334 -26.00 6.04 -10.68
N GLN A 335 -26.29 4.74 -10.80
CA GLN A 335 -27.51 4.18 -10.24
C GLN A 335 -27.37 4.05 -8.73
N PRO A 376 -18.75 12.15 -13.57
CA PRO A 376 -19.39 10.86 -13.84
C PRO A 376 -18.43 9.86 -14.44
N GLY A 377 -17.71 9.12 -13.60
CA GLY A 377 -16.66 8.23 -14.05
C GLY A 377 -15.35 8.91 -14.38
N GLU A 378 -15.26 10.21 -14.14
CA GLU A 378 -14.00 10.93 -14.27
C GLU A 378 -13.25 10.86 -12.94
N PHE A 379 -11.91 10.92 -13.02
CA PHE A 379 -11.13 10.90 -11.79
C PHE A 379 -9.87 11.72 -12.00
N ASP A 380 -9.32 12.19 -10.88
CA ASP A 380 -8.05 12.89 -10.84
C ASP A 380 -6.91 11.89 -10.85
N PRO A 381 -6.25 11.69 -11.99
CA PRO A 381 -5.10 10.77 -12.02
C PRO A 381 -3.95 11.20 -11.12
N ASN A 382 -4.05 12.36 -10.46
CA ASN A 382 -3.05 12.80 -9.49
C ASN A 382 -3.43 12.52 -8.05
N ILE A 383 -4.69 12.20 -7.76
CA ILE A 383 -5.05 11.56 -6.50
C ILE A 383 -5.18 10.05 -6.69
N ASP A 384 -5.98 9.63 -7.67
CA ASP A 384 -6.18 8.21 -7.97
C ASP A 384 -5.13 7.82 -9.02
N VAL A 385 -3.89 7.67 -8.54
CA VAL A 385 -2.72 7.52 -9.41
C VAL A 385 -2.67 6.16 -10.10
N TYR A 386 -3.41 5.16 -9.62
CA TYR A 386 -3.44 3.84 -10.24
C TYR A 386 -4.62 3.66 -11.18
N GLY A 387 -5.41 4.69 -11.40
CA GLY A 387 -6.56 4.57 -12.29
C GLY A 387 -6.16 4.52 -13.75
N ILE A 388 -6.89 3.69 -14.52
CA ILE A 388 -6.75 3.63 -15.97
C ILE A 388 -8.16 3.54 -16.53
N LYS A 389 -8.57 4.55 -17.30
CA LYS A 389 -9.89 4.52 -17.92
C LYS A 389 -9.94 3.41 -18.96
N CYS A 390 -11.13 2.85 -19.16
CA CYS A 390 -11.32 1.86 -20.19
C CYS A 390 -11.25 2.51 -21.57
N HIS A 391 -11.08 1.68 -22.60
CA HIS A 391 -11.04 2.20 -23.95
C HIS A 391 -12.46 2.42 -24.48
N GLU A 392 -12.56 3.07 -25.66
CA GLU A 392 -13.85 3.64 -26.06
C GLU A 392 -14.83 2.62 -26.62
N ASN A 393 -14.45 1.35 -26.73
CA ASN A 393 -15.41 0.32 -27.11
C ASN A 393 -15.61 -0.71 -26.02
N SER A 394 -15.21 -0.37 -24.79
CA SER A 394 -15.51 -1.23 -23.67
C SER A 394 -17.02 -1.47 -23.59
N PRO A 395 -17.45 -2.69 -23.31
CA PRO A 395 -18.90 -2.97 -23.29
C PRO A 395 -19.63 -2.21 -22.20
N ARG A 396 -18.90 -1.71 -21.21
CA ARG A 396 -19.47 -0.98 -20.09
C ARG A 396 -18.44 0.04 -19.61
N LYS A 397 -18.91 1.21 -19.19
CA LYS A 397 -18.02 2.27 -18.72
C LYS A 397 -17.37 1.83 -17.42
N GLU A 398 -16.04 1.61 -17.46
CA GLU A 398 -15.27 1.04 -16.36
C GLU A 398 -13.96 1.80 -16.18
N VAL A 399 -13.53 1.90 -14.93
CA VAL A 399 -12.22 2.45 -14.57
C VAL A 399 -11.51 1.41 -13.71
N TYR A 400 -10.26 1.11 -14.05
CA TYR A 400 -9.51 0.05 -13.40
C TYR A 400 -8.47 0.64 -12.49
N PHE A 401 -8.27 0.00 -11.33
CA PHE A 401 -7.22 0.37 -10.38
C PHE A 401 -6.36 -0.85 -10.15
N MET A 402 -5.11 -0.78 -10.58
CA MET A 402 -4.20 -1.91 -10.56
C MET A 402 -2.84 -1.51 -9.98
N ALA A 403 -2.28 -2.38 -9.14
CA ALA A 403 -1.02 -2.10 -8.47
C ALA A 403 -0.53 -3.36 -7.76
N ILE A 404 0.78 -3.41 -7.50
CA ILE A 404 1.39 -4.48 -6.72
C ILE A 404 1.20 -4.19 -5.24
N ILE A 405 0.82 -5.21 -4.48
CA ILE A 405 0.65 -5.08 -3.03
C ILE A 405 1.36 -6.24 -2.35
N ASP A 406 1.63 -6.04 -1.06
CA ASP A 406 2.20 -7.04 -0.15
C ASP A 406 3.52 -7.62 -0.68
N ILE A 407 4.57 -6.81 -0.55
CA ILE A 407 5.87 -7.16 -1.11
C ILE A 407 6.88 -7.59 -0.05
N LEU A 408 6.58 -7.40 1.23
CA LEU A 408 7.57 -7.58 2.29
C LEU A 408 7.87 -9.03 2.64
N THR A 409 7.14 -9.98 2.08
CA THR A 409 7.50 -11.37 2.26
C THR A 409 8.86 -11.63 1.61
N HIS A 410 9.90 -11.71 2.42
CA HIS A 410 11.14 -12.23 1.90
C HIS A 410 10.99 -13.72 1.68
N TYR A 411 11.79 -14.27 0.76
CA TYR A 411 11.71 -15.70 0.46
C TYR A 411 11.76 -16.52 1.75
N ASP A 412 12.72 -16.22 2.64
CA ASP A 412 12.92 -17.03 3.84
C ASP A 412 11.87 -16.76 4.92
N ALA A 413 11.21 -15.59 4.90
CA ALA A 413 10.05 -15.38 5.77
C ALA A 413 8.93 -16.36 5.44
N LYS A 414 8.67 -16.60 4.15
CA LYS A 414 7.61 -17.54 3.76
C LYS A 414 7.95 -18.97 4.15
N LYS A 415 9.24 -19.35 4.06
CA LYS A 415 9.62 -20.71 4.43
C LYS A 415 9.48 -20.95 5.93
N LYS A 416 9.75 -19.93 6.76
CA LYS A 416 9.56 -20.08 8.20
C LYS A 416 8.08 -20.22 8.55
N ALA A 417 7.23 -19.37 7.96
CA ALA A 417 5.79 -19.48 8.18
C ALA A 417 5.23 -20.80 7.66
N ALA A 418 5.78 -21.29 6.55
CA ALA A 418 5.38 -22.59 6.03
C ALA A 418 5.79 -23.73 6.95
N HIS A 419 6.84 -23.55 7.77
CA HIS A 419 7.24 -24.54 8.77
C HIS A 419 6.32 -24.56 9.98
N ALA A 420 5.41 -23.59 10.11
CA ALA A 420 4.39 -23.60 11.15
C ALA A 420 3.32 -24.65 10.84
N VAL A 435 9.19 -22.54 -5.84
CA VAL A 435 8.73 -21.21 -5.41
C VAL A 435 9.90 -20.32 -5.06
N ASN A 436 10.87 -20.20 -5.96
CA ASN A 436 11.97 -19.31 -5.72
C ASN A 436 11.56 -17.89 -6.07
N PRO A 437 12.32 -16.87 -5.63
CA PRO A 437 11.90 -15.48 -5.90
C PRO A 437 11.80 -15.16 -7.39
N GLU A 438 12.70 -15.70 -8.20
CA GLU A 438 12.62 -15.51 -9.65
C GLU A 438 11.45 -16.29 -10.25
N GLN A 439 11.22 -17.52 -9.77
CA GLN A 439 10.07 -18.28 -10.25
C GLN A 439 8.79 -17.49 -10.07
N TYR A 440 8.57 -16.99 -8.86
CA TYR A 440 7.43 -16.11 -8.61
C TYR A 440 7.40 -14.97 -9.61
N SER A 441 8.56 -14.34 -9.84
CA SER A 441 8.67 -13.25 -10.81
C SER A 441 8.13 -13.66 -12.18
N LYS A 442 8.61 -14.79 -12.70
CA LYS A 442 8.24 -15.20 -14.06
C LYS A 442 6.77 -15.56 -14.16
N ARG A 443 6.31 -16.46 -13.27
CA ARG A 443 4.91 -16.86 -13.29
C ARG A 443 3.97 -15.68 -13.11
N PHE A 444 4.40 -14.67 -12.34
CA PHE A 444 3.60 -13.47 -12.15
C PHE A 444 3.51 -12.66 -13.43
N LEU A 445 4.67 -12.27 -14.00
CA LEU A 445 4.64 -11.39 -15.16
C LEU A 445 3.95 -12.07 -16.34
N ASP A 446 4.19 -13.37 -16.53
CA ASP A 446 3.49 -14.11 -17.58
C ASP A 446 1.98 -14.03 -17.41
N PHE A 447 1.49 -14.25 -16.18
CA PHE A 447 0.05 -14.30 -15.96
C PHE A 447 -0.60 -12.95 -16.25
N ILE A 448 -0.07 -11.88 -15.70
CA ILE A 448 -0.65 -10.56 -15.90
C ILE A 448 -0.65 -10.21 -17.38
N GLY A 449 0.40 -10.62 -18.10
CA GLY A 449 0.37 -10.44 -19.54
C GLY A 449 -0.79 -11.17 -20.17
N HIS A 450 -1.09 -12.37 -19.68
CA HIS A 450 -2.22 -13.12 -20.23
C HIS A 450 -3.54 -12.50 -19.80
N ILE A 451 -3.63 -12.03 -18.55
CA ILE A 451 -4.79 -11.29 -18.06
C ILE A 451 -5.23 -10.24 -19.07
N LEU A 452 -4.30 -9.38 -19.46
CA LEU A 452 -4.65 -8.21 -20.27
C LEU A 452 -4.82 -8.56 -21.74
N THR A 453 -4.12 -9.58 -22.23
CA THR A 453 -4.19 -10.13 -23.60
C THR A 453 -4.93 -9.29 -24.65
B BO3 B . -5.22 -1.19 -0.66
O1 BO3 B . -4.13 -2.00 -0.40
O2 BO3 B . -4.89 0.09 -1.07
O3 BO3 B . -6.57 -1.51 -0.51
B BO3 C . 2.27 6.16 -10.34
O1 BO3 C . 1.66 7.36 -10.52
O2 BO3 C . 1.71 5.10 -11.03
O3 BO3 C . 3.25 5.99 -9.41
B BO3 D . 12.58 0.43 23.50
O1 BO3 D . 11.96 1.54 24.02
O2 BO3 D . 13.15 0.63 22.27
O3 BO3 D . 12.51 -0.85 23.99
B BO3 E . -5.62 -2.30 15.96
O1 BO3 E . -6.93 -2.71 15.89
O2 BO3 E . -4.68 -3.32 15.97
O3 BO3 E . -5.20 -1.01 15.75
#